data_5F9I
#
_entry.id   5F9I
#
_cell.length_a   60.647
_cell.length_b   26.340
_cell.length_c   76.434
_cell.angle_alpha   90.00
_cell.angle_beta   95.98
_cell.angle_gamma   90.00
#
_symmetry.space_group_name_H-M   'P 1 21 1'
#
loop_
_entity.id
_entity.type
_entity.pdbx_description
1 polymer "DNA (5'-D(*CP*CP*AP*AP*TP*AP*AP*TP*CP*GP*CP*GP*AP*TP*TP*AP*TP*TP*GP*G)-3')"
2 water water
#
_entity_poly.entity_id   1
_entity_poly.type   'polydeoxyribonucleotide'
_entity_poly.pdbx_seq_one_letter_code
;(DC)(DC)(DA)(DA)(DT)(DA)(DA)(DT)(DC)(DG)(DC)(DG)(DA)(DT)(DT)(DA)(DT)(DT)(DG)(DG)
;
_entity_poly.pdbx_strand_id   A,B,C,D
#
loop_
_chem_comp.id
_chem_comp.type
_chem_comp.name
_chem_comp.formula
DA DNA linking 2'-DEOXYADENOSINE-5'-MONOPHOSPHATE 'C10 H14 N5 O6 P'
DC DNA linking 2'-DEOXYCYTIDINE-5'-MONOPHOSPHATE 'C9 H14 N3 O7 P'
DG DNA linking 2'-DEOXYGUANOSINE-5'-MONOPHOSPHATE 'C10 H14 N5 O7 P'
DT DNA linking THYMIDINE-5'-MONOPHOSPHATE 'C10 H15 N2 O8 P'
#